data_6H9D
#
_entry.id   6H9D
#
_cell.length_a   100.440
_cell.length_b   100.440
_cell.length_c   96.620
_cell.angle_alpha   90.00
_cell.angle_beta   90.00
_cell.angle_gamma   120.00
#
_symmetry.space_group_name_H-M   'P 32 2 1'
#
loop_
_entity.id
_entity.type
_entity.pdbx_description
1 polymer Lysozyme
2 non-polymer GLYCEROL
3 non-polymer 'CHLORIDE ION'
4 water water
#
_entity_poly.entity_id   1
_entity_poly.type   'polypeptide(L)'
_entity_poly.pdbx_seq_one_letter_code
;RARHKISRAGVELIKSFEGLRQQASQLPDGRWMIGYGHTFSAREGARVTAEDADALLRFDLLPIVEAVNNLVHTPLTQNQ
FDALVSFCFNIGIEAFGQSDVLRRVNEGRVTEAAQAMDNWTSAEFNGQTYVLAPLIRRRASEKSLFLTP
;
_entity_poly.pdbx_strand_id   A,B,C
#
# COMPACT_ATOMS: atom_id res chain seq x y z
N ALA A 2 16.58 -6.17 11.49
CA ALA A 2 15.62 -6.88 12.39
C ALA A 2 14.33 -6.07 12.54
N ARG A 3 13.60 -5.90 11.44
CA ARG A 3 12.34 -5.19 11.44
C ARG A 3 11.22 -6.23 11.62
N HIS A 4 10.20 -5.88 12.39
CA HIS A 4 9.11 -6.78 12.66
C HIS A 4 7.91 -6.49 11.74
N LYS A 5 7.09 -7.51 11.54
CA LYS A 5 5.81 -7.45 10.84
C LYS A 5 4.70 -7.92 11.77
N ILE A 6 3.51 -7.31 11.65
CA ILE A 6 2.39 -7.74 12.48
C ILE A 6 1.94 -9.11 11.97
N SER A 7 1.77 -10.06 12.90
CA SER A 7 1.35 -11.41 12.55
C SER A 7 -0.14 -11.43 12.24
N ARG A 8 -0.60 -12.56 11.69
CA ARG A 8 -2.01 -12.76 11.45
C ARG A 8 -2.78 -12.69 12.78
N ALA A 9 -2.24 -13.30 13.83
CA ALA A 9 -2.90 -13.27 15.16
C ALA A 9 -3.07 -11.82 15.65
N GLY A 10 -2.04 -11.01 15.41
CA GLY A 10 -2.01 -9.59 15.77
C GLY A 10 -3.09 -8.80 15.06
N VAL A 11 -3.24 -9.07 13.75
CA VAL A 11 -4.30 -8.47 12.96
C VAL A 11 -5.66 -8.87 13.53
N GLU A 12 -5.84 -10.15 13.86
CA GLU A 12 -7.15 -10.64 14.35
C GLU A 12 -7.48 -9.97 15.69
N LEU A 13 -6.48 -9.80 16.56
CA LEU A 13 -6.69 -9.11 17.84
C LEU A 13 -7.25 -7.70 17.58
N ILE A 14 -6.59 -6.98 16.67
CA ILE A 14 -6.96 -5.60 16.38
C ILE A 14 -8.38 -5.55 15.81
N LYS A 15 -8.67 -6.47 14.91
CA LYS A 15 -9.98 -6.54 14.26
C LYS A 15 -11.06 -6.82 15.31
N SER A 16 -10.71 -7.55 16.38
CA SER A 16 -11.67 -8.01 17.36
C SER A 16 -12.26 -6.82 18.13
N PHE A 17 -11.56 -5.68 18.12
CA PHE A 17 -12.03 -4.49 18.81
C PHE A 17 -12.84 -3.60 17.87
N GLU A 18 -12.89 -3.99 16.60
CA GLU A 18 -13.54 -3.19 15.54
C GLU A 18 -14.80 -3.88 15.03
N GLY A 19 -15.74 -3.09 14.54
CA GLY A 19 -16.97 -3.60 13.93
C GLY A 19 -16.87 -3.47 12.44
N LEU A 20 -17.15 -4.54 11.71
CA LEU A 20 -17.06 -4.50 10.23
C LEU A 20 -18.21 -3.69 9.62
N ARG A 21 -17.89 -2.68 8.82
CA ARG A 21 -18.91 -1.90 8.07
C ARG A 21 -18.72 -2.27 6.61
N GLN A 22 -19.65 -3.06 6.06
CA GLN A 22 -19.54 -3.54 4.67
C GLN A 22 -19.88 -2.43 3.68
N GLN A 23 -20.53 -1.38 4.12
CA GLN A 23 -20.95 -0.30 3.20
C GLN A 23 -20.38 1.04 3.66
N ALA A 24 -19.87 1.81 2.72
CA ALA A 24 -19.29 3.14 3.00
C ALA A 24 -20.35 4.04 3.62
N SER A 25 -20.04 4.60 4.78
CA SER A 25 -20.92 5.55 5.49
C SER A 25 -20.18 6.89 5.62
N GLN A 26 -20.90 8.00 5.52
CA GLN A 26 -20.27 9.33 5.52
C GLN A 26 -20.07 9.86 6.94
N LEU A 27 -18.90 10.44 7.19
CA LEU A 27 -18.58 11.04 8.49
C LEU A 27 -19.00 12.50 8.46
N PRO A 28 -19.17 13.16 9.62
CA PRO A 28 -19.50 14.59 9.68
C PRO A 28 -18.68 15.48 8.75
N ASP A 29 -17.36 15.25 8.69
CA ASP A 29 -16.45 16.10 7.89
C ASP A 29 -16.61 15.82 6.38
N GLY A 30 -17.47 14.86 6.02
CA GLY A 30 -17.81 14.61 4.62
C GLY A 30 -17.08 13.41 4.01
N ARG A 31 -16.00 12.96 4.68
CA ARG A 31 -15.23 11.79 4.24
C ARG A 31 -16.08 10.54 4.44
N TRP A 32 -15.66 9.44 3.82
CA TRP A 32 -16.33 8.16 3.91
C TRP A 32 -15.50 7.17 4.72
N MET A 33 -16.18 6.26 5.42
CA MET A 33 -15.56 5.24 6.24
CA MET A 33 -15.56 5.24 6.23
C MET A 33 -16.10 3.87 5.81
N ILE A 34 -15.25 2.85 5.84
CA ILE A 34 -15.65 1.52 5.46
C ILE A 34 -14.76 0.50 6.20
N GLY A 35 -15.20 -0.76 6.20
CA GLY A 35 -14.39 -1.83 6.73
C GLY A 35 -14.24 -1.67 8.23
N TYR A 36 -12.99 -1.71 8.71
CA TYR A 36 -12.69 -1.54 10.13
C TYR A 36 -12.14 -0.13 10.38
N GLY A 37 -12.98 0.87 10.11
CA GLY A 37 -12.64 2.28 10.32
C GLY A 37 -11.72 2.85 9.26
N HIS A 38 -11.71 2.27 8.07
CA HIS A 38 -10.82 2.73 6.98
C HIS A 38 -11.39 3.99 6.30
N THR A 39 -10.53 4.95 5.97
CA THR A 39 -11.03 6.19 5.34
C THR A 39 -10.22 6.62 4.12
N PHE A 40 -8.91 6.43 4.12
CA PHE A 40 -8.04 7.01 3.07
C PHE A 40 -8.50 6.69 1.64
N SER A 41 -8.96 5.48 1.36
CA SER A 41 -9.44 5.13 -0.01
C SER A 41 -10.94 4.81 0.00
N ALA A 42 -11.63 5.07 1.12
CA ALA A 42 -13.08 4.82 1.20
C ALA A 42 -13.80 5.95 0.46
N ARG A 43 -14.73 5.59 -0.41
CA ARG A 43 -15.47 6.55 -1.23
C ARG A 43 -16.98 6.25 -1.17
N GLU A 44 -17.78 7.21 -1.63
CA GLU A 44 -19.21 7.06 -1.62
C GLU A 44 -19.57 5.80 -2.41
N GLY A 45 -20.42 4.95 -1.82
CA GLY A 45 -21.04 3.79 -2.52
C GLY A 45 -20.18 2.53 -2.53
N ALA A 46 -18.99 2.62 -1.93
CA ALA A 46 -18.07 1.46 -1.89
C ALA A 46 -18.61 0.36 -0.98
N ARG A 47 -18.30 -0.88 -1.31
CA ARG A 47 -18.73 -2.05 -0.52
C ARG A 47 -17.51 -2.95 -0.31
N VAL A 48 -17.42 -3.62 0.84
CA VAL A 48 -16.26 -4.52 1.08
C VAL A 48 -16.71 -5.84 1.68
N THR A 49 -15.98 -6.90 1.34
CA THR A 49 -16.15 -8.20 2.02
C THR A 49 -15.24 -8.19 3.25
N ALA A 50 -15.39 -9.20 4.12
CA ALA A 50 -14.50 -9.30 5.29
C ALA A 50 -13.05 -9.35 4.78
N GLU A 51 -12.81 -10.05 3.68
CA GLU A 51 -11.45 -10.17 3.04
C GLU A 51 -10.93 -8.77 2.63
N ASP A 52 -11.78 -7.98 1.97
CA ASP A 52 -11.40 -6.64 1.53
C ASP A 52 -11.08 -5.75 2.76
N ALA A 53 -11.89 -5.86 3.82
CA ALA A 53 -11.74 -5.05 5.03
C ALA A 53 -10.41 -5.42 5.72
N ASP A 54 -10.04 -6.70 5.68
CA ASP A 54 -8.74 -7.17 6.22
C ASP A 54 -7.59 -6.47 5.50
N ALA A 55 -7.68 -6.41 4.16
CA ALA A 55 -6.65 -5.78 3.37
C ALA A 55 -6.52 -4.30 3.75
N LEU A 56 -7.64 -3.60 3.87
CA LEU A 56 -7.63 -2.18 4.17
C LEU A 56 -7.09 -1.93 5.59
N LEU A 57 -7.44 -2.79 6.54
CA LEU A 57 -6.94 -2.66 7.91
C LEU A 57 -5.41 -2.79 7.87
N ARG A 58 -4.88 -3.73 7.07
CA ARG A 58 -3.42 -3.91 7.00
C ARG A 58 -2.77 -2.66 6.39
N PHE A 59 -3.46 -1.97 5.47
CA PHE A 59 -2.96 -0.68 4.98
C PHE A 59 -2.87 0.34 6.12
N ASP A 60 -3.94 0.43 6.91
CA ASP A 60 -4.02 1.41 8.00
C ASP A 60 -2.94 1.08 9.06
N LEU A 61 -2.55 -0.19 9.18
CA LEU A 61 -1.57 -0.58 10.21
C LEU A 61 -0.12 -0.34 9.76
N LEU A 62 0.13 -0.14 8.45
CA LEU A 62 1.49 0.01 7.92
C LEU A 62 2.26 1.08 8.69
N PRO A 63 1.75 2.32 8.87
CA PRO A 63 2.48 3.33 9.61
C PRO A 63 2.63 3.02 11.10
N ILE A 64 1.73 2.23 11.66
CA ILE A 64 1.87 1.79 13.06
C ILE A 64 3.05 0.81 13.16
N VAL A 65 3.09 -0.18 12.26
CA VAL A 65 4.17 -1.17 12.18
C VAL A 65 5.52 -0.44 12.04
N GLU A 66 5.56 0.60 11.19
CA GLU A 66 6.75 1.42 10.99
C GLU A 66 7.12 2.15 12.29
N ALA A 67 6.13 2.81 12.92
CA ALA A 67 6.34 3.57 14.13
C ALA A 67 6.91 2.68 15.25
N VAL A 68 6.35 1.49 15.44
CA VAL A 68 6.72 0.67 16.60
C VAL A 68 8.17 0.19 16.38
N ASN A 69 8.44 -0.20 15.16
CA ASN A 69 9.81 -0.62 14.74
C ASN A 69 10.78 0.53 14.98
N ASN A 70 10.38 1.75 14.64
CA ASN A 70 11.29 2.89 14.74
C ASN A 70 11.42 3.40 16.18
N LEU A 71 10.37 3.26 16.98
CA LEU A 71 10.38 3.84 18.35
C LEU A 71 10.93 2.87 19.38
N VAL A 72 10.87 1.57 19.10
CA VAL A 72 11.37 0.57 20.07
C VAL A 72 12.81 0.19 19.72
N HIS A 73 13.74 0.39 20.67
CA HIS A 73 15.17 0.09 20.47
C HIS A 73 15.55 -1.25 21.09
N THR A 74 14.71 -1.82 21.94
CA THR A 74 15.08 -3.14 22.52
C THR A 74 14.55 -4.23 21.62
N PRO A 75 15.07 -5.47 21.68
CA PRO A 75 14.56 -6.56 20.87
C PRO A 75 13.15 -6.94 21.35
N LEU A 76 12.31 -7.37 20.44
CA LEU A 76 10.93 -7.72 20.84
C LEU A 76 10.60 -9.12 20.35
N THR A 77 9.71 -9.79 21.07
CA THR A 77 9.16 -11.06 20.59
C THR A 77 8.00 -10.72 19.64
N GLN A 78 7.56 -11.66 18.83
CA GLN A 78 6.42 -11.38 17.92
C GLN A 78 5.19 -10.94 18.72
N ASN A 79 4.89 -11.61 19.83
CA ASN A 79 3.72 -11.27 20.68
C ASN A 79 3.86 -9.85 21.22
N GLN A 80 5.06 -9.46 21.63
CA GLN A 80 5.24 -8.13 22.19
C GLN A 80 4.97 -7.09 21.11
N PHE A 81 5.50 -7.36 19.92
CA PHE A 81 5.36 -6.47 18.79
C PHE A 81 3.88 -6.32 18.41
N ASP A 82 3.18 -7.46 18.27
CA ASP A 82 1.78 -7.51 17.90
C ASP A 82 0.94 -6.67 18.90
N ALA A 83 1.16 -6.90 20.20
CA ALA A 83 0.42 -6.16 21.25
C ALA A 83 0.75 -4.66 21.20
N LEU A 84 2.03 -4.31 20.98
CA LEU A 84 2.42 -2.88 20.91
C LEU A 84 1.78 -2.22 19.67
N VAL A 85 1.68 -2.93 18.55
CA VAL A 85 1.03 -2.38 17.35
C VAL A 85 -0.45 -2.11 17.64
N SER A 86 -1.12 -3.04 18.33
CA SER A 86 -2.51 -2.90 18.68
C SER A 86 -2.67 -1.66 19.56
N PHE A 87 -1.76 -1.53 20.53
CA PHE A 87 -1.80 -0.49 21.52
C PHE A 87 -1.54 0.87 20.84
N CYS A 88 -0.49 0.92 20.04
CA CYS A 88 -0.08 2.11 19.32
C CYS A 88 -1.17 2.53 18.31
N PHE A 89 -1.82 1.57 17.63
CA PHE A 89 -2.94 1.84 16.75
C PHE A 89 -4.07 2.53 17.52
N ASN A 90 -4.32 2.06 18.74
CA ASN A 90 -5.45 2.52 19.51
C ASN A 90 -5.18 3.94 20.05
N ILE A 91 -3.97 4.20 20.59
CA ILE A 91 -3.74 5.49 21.28
C ILE A 91 -3.12 6.51 20.30
N GLY A 92 -2.69 6.05 19.12
CA GLY A 92 -2.03 6.92 18.13
C GLY A 92 -0.52 6.97 18.32
N ILE A 93 0.19 7.18 17.22
CA ILE A 93 1.64 7.16 17.19
C ILE A 93 2.21 8.26 18.08
N GLU A 94 1.61 9.46 18.05
CA GLU A 94 2.12 10.59 18.81
C GLU A 94 2.12 10.26 20.30
N ALA A 95 0.96 9.86 20.81
CA ALA A 95 0.84 9.53 22.23
C ALA A 95 1.77 8.35 22.58
N PHE A 96 1.90 7.40 21.66
CA PHE A 96 2.74 6.22 21.91
C PHE A 96 4.19 6.66 22.10
N GLY A 97 4.66 7.50 21.17
CA GLY A 97 6.01 8.10 21.23
C GLY A 97 6.35 8.70 22.57
N GLN A 98 5.36 9.27 23.27
CA GLN A 98 5.59 10.00 24.51
C GLN A 98 5.22 9.16 25.74
N SER A 99 4.84 7.88 25.54
CA SER A 99 4.15 7.11 26.60
C SER A 99 5.14 6.48 27.59
N ASP A 100 4.65 6.40 28.83
CA ASP A 100 5.20 5.56 29.89
C ASP A 100 5.49 4.15 29.34
N VAL A 101 4.52 3.57 28.63
CA VAL A 101 4.62 2.21 28.06
C VAL A 101 5.91 2.06 27.26
N LEU A 102 6.12 2.96 26.29
CA LEU A 102 7.30 2.89 25.42
C LEU A 102 8.58 3.07 26.25
N ARG A 103 8.57 3.98 27.20
CA ARG A 103 9.74 4.23 28.03
C ARG A 103 10.19 2.95 28.73
N ARG A 104 9.22 2.28 29.36
CA ARG A 104 9.45 1.03 30.07
C ARG A 104 9.96 -0.02 29.11
N VAL A 105 9.29 -0.16 27.98
CA VAL A 105 9.72 -1.14 26.98
C VAL A 105 11.20 -0.91 26.63
N ASN A 106 11.56 0.36 26.44
CA ASN A 106 12.93 0.69 26.01
C ASN A 106 13.91 0.49 27.18
N GLU A 107 13.42 0.44 28.41
CA GLU A 107 14.26 0.19 29.58
C GLU A 107 14.38 -1.32 29.86
N GLY A 108 13.72 -2.15 29.05
CA GLY A 108 13.71 -3.62 29.25
C GLY A 108 12.85 -4.05 30.43
N ARG A 109 11.93 -3.18 30.87
CA ARG A 109 11.04 -3.45 31.99
C ARG A 109 9.66 -3.84 31.46
N VAL A 110 9.58 -5.08 30.96
CA VAL A 110 8.44 -5.62 30.25
C VAL A 110 7.18 -5.60 31.12
N THR A 111 7.32 -6.04 32.38
CA THR A 111 6.19 -6.10 33.30
C THR A 111 5.63 -4.70 33.54
N GLU A 112 6.52 -3.72 33.71
CA GLU A 112 6.12 -2.36 34.01
C GLU A 112 5.45 -1.74 32.77
N ALA A 113 5.94 -2.12 31.59
CA ALA A 113 5.33 -1.67 30.33
C ALA A 113 3.87 -2.12 30.28
N ALA A 114 3.64 -3.40 30.60
CA ALA A 114 2.28 -3.92 30.59
C ALA A 114 1.43 -3.12 31.59
N GLN A 115 1.95 -2.89 32.80
CA GLN A 115 1.20 -2.17 33.81
C GLN A 115 0.90 -0.73 33.34
N ALA A 116 1.85 -0.13 32.63
CA ALA A 116 1.68 1.25 32.14
C ALA A 116 0.47 1.35 31.21
N MET A 117 0.10 0.24 30.56
CA MET A 117 -1.02 0.24 29.63
C MET A 117 -2.31 0.58 30.39
N ASP A 118 -2.33 0.33 31.70
CA ASP A 118 -3.51 0.65 32.53
C ASP A 118 -3.78 2.16 32.55
N ASN A 119 -2.77 2.97 32.18
CA ASN A 119 -2.91 4.44 32.18
C ASN A 119 -3.73 4.93 30.98
N TRP A 120 -4.15 4.00 30.12
CA TRP A 120 -4.74 4.34 28.84
C TRP A 120 -6.14 3.73 28.73
N THR A 121 -6.97 4.00 29.75
CA THR A 121 -8.28 3.40 29.83
C THR A 121 -9.35 4.45 30.17
N SER A 122 -9.07 5.72 29.92
CA SER A 122 -10.01 6.76 30.30
C SER A 122 -10.07 7.88 29.25
N ALA A 123 -11.20 8.58 29.21
CA ALA A 123 -11.37 9.77 28.40
C ALA A 123 -11.81 10.96 29.27
N GLU A 124 -11.74 12.16 28.69
CA GLU A 124 -11.98 13.41 29.37
C GLU A 124 -13.34 13.99 28.91
N PHE A 125 -14.15 14.39 29.88
CA PHE A 125 -15.36 15.17 29.62
C PHE A 125 -15.34 16.41 30.51
N ASN A 126 -15.14 17.56 29.86
CA ASN A 126 -15.08 18.86 30.53
C ASN A 126 -14.16 18.78 31.75
N GLY A 127 -12.96 18.23 31.53
CA GLY A 127 -11.92 18.23 32.55
C GLY A 127 -12.00 17.07 33.55
N GLN A 128 -13.07 16.26 33.49
CA GLN A 128 -13.25 15.09 34.37
C GLN A 128 -12.83 13.82 33.63
N THR A 129 -12.21 12.89 34.36
CA THR A 129 -11.72 11.59 33.88
C THR A 129 -12.81 10.54 34.05
N TYR A 130 -13.10 9.81 32.97
CA TYR A 130 -14.02 8.68 33.00
C TYR A 130 -13.31 7.43 32.48
N VAL A 131 -13.41 6.36 33.25
CA VAL A 131 -12.80 5.06 32.86
C VAL A 131 -13.69 4.52 31.75
N LEU A 132 -13.09 4.00 30.67
CA LEU A 132 -13.86 3.41 29.57
C LEU A 132 -13.82 1.89 29.71
N ALA A 133 -14.97 1.28 30.00
CA ALA A 133 -15.08 -0.18 30.15
C ALA A 133 -14.46 -0.88 28.94
N PRO A 134 -14.74 -0.49 27.69
CA PRO A 134 -14.11 -1.12 26.54
C PRO A 134 -12.58 -1.10 26.55
N LEU A 135 -11.97 -0.04 27.07
CA LEU A 135 -10.51 0.06 27.11
C LEU A 135 -9.96 -0.89 28.17
N ILE A 136 -10.69 -1.11 29.25
CA ILE A 136 -10.26 -2.09 30.28
C ILE A 136 -10.18 -3.46 29.59
N ARG A 137 -11.21 -3.81 28.84
CA ARG A 137 -11.24 -5.08 28.09
C ARG A 137 -10.10 -5.12 27.08
N ARG A 138 -9.93 -4.04 26.34
CA ARG A 138 -8.89 -3.98 25.31
C ARG A 138 -7.49 -4.18 25.94
N ARG A 139 -7.22 -3.41 26.99
CA ARG A 139 -5.93 -3.48 27.67
C ARG A 139 -5.64 -4.87 28.21
N ALA A 140 -6.68 -5.53 28.73
CA ALA A 140 -6.48 -6.89 29.29
C ALA A 140 -6.01 -7.83 28.17
N SER A 141 -6.66 -7.76 27.00
CA SER A 141 -6.27 -8.57 25.83
C SER A 141 -4.86 -8.20 25.33
N GLU A 142 -4.55 -6.90 25.26
CA GLU A 142 -3.22 -6.48 24.77
C GLU A 142 -2.13 -6.94 25.74
N LYS A 143 -2.38 -6.75 27.04
CA LYS A 143 -1.42 -7.10 28.06
C LYS A 143 -1.20 -8.63 28.06
N SER A 144 -2.28 -9.39 27.93
CA SER A 144 -2.19 -10.87 27.88
C SER A 144 -1.24 -11.30 26.75
N LEU A 145 -1.48 -10.78 25.54
CA LEU A 145 -0.64 -11.14 24.40
C LEU A 145 0.79 -10.68 24.66
N PHE A 146 0.93 -9.41 25.08
CA PHE A 146 2.22 -8.78 25.28
C PHE A 146 3.12 -9.65 26.17
N LEU A 147 2.52 -10.26 27.20
CA LEU A 147 3.24 -11.02 28.21
C LEU A 147 3.24 -12.53 27.91
N THR A 148 2.78 -12.97 26.73
CA THR A 148 2.89 -14.38 26.32
C THR A 148 4.21 -14.60 25.58
N PRO A 149 5.11 -15.49 26.05
CA PRO A 149 6.38 -15.75 25.36
C PRO A 149 6.28 -16.06 23.85
N ALA B 2 13.95 -13.51 1.85
CA ALA B 2 13.52 -12.10 1.61
C ALA B 2 12.10 -12.08 1.04
N ARG B 3 11.49 -10.89 1.02
CA ARG B 3 10.15 -10.69 0.50
C ARG B 3 10.14 -10.34 -0.97
N HIS B 4 9.19 -10.89 -1.71
CA HIS B 4 9.09 -10.68 -3.15
C HIS B 4 8.09 -9.56 -3.47
N LYS B 5 8.28 -8.95 -4.65
CA LYS B 5 7.35 -8.03 -5.26
C LYS B 5 6.91 -8.60 -6.62
N ILE B 6 5.68 -8.30 -7.02
CA ILE B 6 5.22 -8.75 -8.34
C ILE B 6 5.96 -7.92 -9.40
N SER B 7 6.50 -8.61 -10.40
CA SER B 7 7.27 -7.95 -11.45
C SER B 7 6.31 -7.25 -12.43
N ARG B 8 6.90 -6.44 -13.31
CA ARG B 8 6.14 -5.76 -14.35
C ARG B 8 5.47 -6.81 -15.26
N ALA B 9 6.20 -7.88 -15.59
CA ALA B 9 5.68 -8.92 -16.46
C ALA B 9 4.50 -9.64 -15.79
N GLY B 10 4.61 -9.83 -14.47
CA GLY B 10 3.53 -10.46 -13.64
C GLY B 10 2.25 -9.64 -13.69
N VAL B 11 2.41 -8.32 -13.53
CA VAL B 11 1.31 -7.40 -13.61
C VAL B 11 0.69 -7.48 -15.01
N GLU B 12 1.53 -7.52 -16.07
CA GLU B 12 1.01 -7.53 -17.43
C GLU B 12 0.20 -8.81 -17.67
N LEU B 13 0.68 -9.94 -17.12
CA LEU B 13 -0.05 -11.20 -17.29
C LEU B 13 -1.46 -11.05 -16.67
N ILE B 14 -1.52 -10.49 -15.47
CA ILE B 14 -2.78 -10.34 -14.77
C ILE B 14 -3.70 -9.39 -15.54
N LYS B 15 -3.16 -8.30 -16.08
CA LYS B 15 -3.94 -7.37 -16.89
C LYS B 15 -4.56 -8.11 -18.08
N SER B 16 -3.81 -9.07 -18.63
CA SER B 16 -4.17 -9.72 -19.87
C SER B 16 -5.44 -10.55 -19.66
N PHE B 17 -5.66 -11.02 -18.45
CA PHE B 17 -6.84 -11.85 -18.13
C PHE B 17 -8.05 -10.95 -17.88
N GLU B 18 -7.80 -9.68 -17.61
CA GLU B 18 -8.94 -8.78 -17.35
C GLU B 18 -9.21 -7.94 -18.58
N GLY B 19 -8.20 -7.22 -19.06
CA GLY B 19 -8.39 -6.28 -20.18
C GLY B 19 -8.70 -4.89 -19.64
N LEU B 20 -8.26 -3.84 -20.32
CA LEU B 20 -8.53 -2.51 -19.72
C LEU B 20 -9.93 -2.00 -20.04
N ARG B 21 -10.68 -1.60 -19.03
CA ARG B 21 -11.97 -0.94 -19.21
C ARG B 21 -11.86 0.50 -18.70
N GLN B 22 -11.73 1.45 -19.62
CA GLN B 22 -11.49 2.85 -19.26
C GLN B 22 -12.79 3.49 -18.76
N GLN B 23 -13.92 2.86 -19.08
CA GLN B 23 -15.23 3.34 -18.68
C GLN B 23 -15.86 2.31 -17.73
N ALA B 24 -16.41 2.79 -16.61
CA ALA B 24 -17.10 1.93 -15.63
C ALA B 24 -18.25 1.19 -16.31
N SER B 25 -18.30 -0.14 -16.15
CA SER B 25 -19.40 -1.00 -16.62
C SER B 25 -19.97 -1.83 -15.44
N GLN B 26 -21.23 -2.25 -15.56
CA GLN B 26 -21.98 -2.84 -14.44
C GLN B 26 -21.87 -4.36 -14.46
N LEU B 27 -21.66 -4.95 -13.28
CA LEU B 27 -21.61 -6.41 -13.12
C LEU B 27 -23.03 -6.94 -12.88
N PRO B 28 -23.25 -8.26 -13.06
CA PRO B 28 -24.54 -8.89 -12.77
C PRO B 28 -25.18 -8.46 -11.43
N ASP B 29 -24.37 -8.43 -10.38
CA ASP B 29 -24.85 -8.17 -9.02
C ASP B 29 -25.17 -6.68 -8.85
N GLY B 30 -24.95 -5.86 -9.88
CA GLY B 30 -25.34 -4.44 -9.85
C GLY B 30 -24.18 -3.50 -9.55
N ARG B 31 -23.10 -4.02 -8.96
CA ARG B 31 -21.89 -3.23 -8.70
C ARG B 31 -21.25 -2.82 -10.02
N TRP B 32 -20.34 -1.86 -9.93
CA TRP B 32 -19.61 -1.35 -11.07
C TRP B 32 -18.15 -1.83 -11.01
N MET B 33 -17.55 -1.89 -12.20
CA MET B 33 -16.19 -2.34 -12.40
C MET B 33 -15.51 -1.30 -13.29
N ILE B 34 -14.19 -1.13 -13.14
CA ILE B 34 -13.42 -0.23 -13.99
C ILE B 34 -11.97 -0.72 -14.03
N GLY B 35 -11.18 -0.17 -14.97
CA GLY B 35 -9.79 -0.52 -15.11
C GLY B 35 -9.61 -2.01 -15.40
N TYR B 36 -8.74 -2.67 -14.63
CA TYR B 36 -8.50 -4.08 -14.76
C TYR B 36 -9.23 -4.84 -13.66
N GLY B 37 -10.56 -4.88 -13.76
CA GLY B 37 -11.42 -5.59 -12.84
C GLY B 37 -11.54 -4.90 -11.48
N HIS B 38 -11.21 -3.61 -11.40
CA HIS B 38 -11.28 -2.90 -10.10
C HIS B 38 -12.74 -2.60 -9.74
N THR B 39 -13.12 -2.86 -8.50
CA THR B 39 -14.53 -2.68 -8.06
C THR B 39 -14.66 -1.84 -6.80
N PHE B 40 -13.67 -1.87 -5.92
CA PHE B 40 -13.75 -1.17 -4.60
C PHE B 40 -14.21 0.29 -4.71
N SER B 41 -13.58 1.05 -5.57
CA SER B 41 -13.83 2.48 -5.70
C SER B 41 -14.48 2.81 -7.07
N ALA B 42 -14.98 1.81 -7.78
CA ALA B 42 -15.60 2.01 -9.10
C ALA B 42 -17.03 2.53 -8.92
N ARG B 43 -17.39 3.53 -9.71
CA ARG B 43 -18.70 4.22 -9.62
C ARG B 43 -19.27 4.34 -11.04
N GLU B 44 -20.61 4.25 -11.18
CA GLU B 44 -21.27 4.47 -12.46
C GLU B 44 -20.79 5.80 -13.04
N GLY B 45 -20.37 5.79 -14.31
CA GLY B 45 -20.01 7.01 -15.02
C GLY B 45 -18.53 7.38 -14.90
N ALA B 46 -17.78 6.63 -14.10
CA ALA B 46 -16.37 6.95 -13.89
C ALA B 46 -15.56 6.58 -15.13
N ARG B 47 -14.45 7.28 -15.28
CA ARG B 47 -13.49 6.99 -16.37
C ARG B 47 -12.09 6.97 -15.75
N VAL B 48 -11.23 6.08 -16.23
CA VAL B 48 -9.82 5.99 -15.74
C VAL B 48 -8.88 6.07 -16.92
N THR B 49 -7.71 6.64 -16.70
CA THR B 49 -6.62 6.63 -17.69
C THR B 49 -5.88 5.29 -17.54
N ALA B 50 -5.08 4.91 -18.52
CA ALA B 50 -4.35 3.62 -18.41
C ALA B 50 -3.43 3.66 -17.19
N GLU B 51 -2.91 4.84 -16.85
CA GLU B 51 -2.00 5.01 -15.71
C GLU B 51 -2.75 4.74 -14.39
N ASP B 52 -3.95 5.30 -14.23
CA ASP B 52 -4.72 5.11 -13.00
C ASP B 52 -5.15 3.64 -12.91
N ALA B 53 -5.53 3.02 -14.04
CA ALA B 53 -5.94 1.61 -14.06
C ALA B 53 -4.79 0.71 -13.57
N ASP B 54 -3.57 1.01 -14.01
CA ASP B 54 -2.38 0.28 -13.56
C ASP B 54 -2.20 0.42 -12.04
N ALA B 55 -2.31 1.65 -11.53
CA ALA B 55 -2.20 1.92 -10.09
C ALA B 55 -3.33 1.22 -9.31
N LEU B 56 -4.56 1.24 -9.84
CA LEU B 56 -5.68 0.60 -9.15
C LEU B 56 -5.44 -0.90 -9.09
N LEU B 57 -4.90 -1.50 -10.16
CA LEU B 57 -4.63 -2.93 -10.14
C LEU B 57 -3.55 -3.21 -9.10
N ARG B 58 -2.50 -2.38 -9.04
CA ARG B 58 -1.40 -2.61 -8.09
C ARG B 58 -1.93 -2.47 -6.67
N PHE B 59 -2.89 -1.55 -6.46
CA PHE B 59 -3.59 -1.38 -5.21
C PHE B 59 -4.31 -2.67 -4.80
N ASP B 60 -5.11 -3.24 -5.71
CA ASP B 60 -5.83 -4.46 -5.49
C ASP B 60 -4.84 -5.62 -5.23
N LEU B 61 -3.66 -5.63 -5.85
CA LEU B 61 -2.72 -6.77 -5.75
C LEU B 61 -1.87 -6.74 -4.46
N LEU B 62 -1.74 -5.58 -3.83
CA LEU B 62 -0.83 -5.46 -2.66
C LEU B 62 -1.13 -6.49 -1.59
N PRO B 63 -2.38 -6.70 -1.13
CA PRO B 63 -2.67 -7.70 -0.11
C PRO B 63 -2.44 -9.15 -0.60
N ILE B 64 -2.50 -9.36 -1.92
CA ILE B 64 -2.18 -10.66 -2.49
C ILE B 64 -0.67 -10.90 -2.39
N VAL B 65 0.14 -9.90 -2.74
CA VAL B 65 1.59 -9.94 -2.66
C VAL B 65 2.01 -10.25 -1.22
N GLU B 66 1.38 -9.56 -0.27
CA GLU B 66 1.61 -9.78 1.15
C GLU B 66 1.25 -11.21 1.56
N ALA B 67 0.07 -11.67 1.16
CA ALA B 67 -0.42 -12.99 1.52
C ALA B 67 0.50 -14.08 0.97
N VAL B 68 0.93 -13.97 -0.29
CA VAL B 68 1.72 -15.04 -0.89
C VAL B 68 3.09 -15.08 -0.18
N ASN B 69 3.62 -13.91 0.11
CA ASN B 69 4.91 -13.79 0.83
C ASN B 69 4.77 -14.46 2.19
N ASN B 70 3.66 -14.23 2.87
CA ASN B 70 3.39 -14.76 4.23
C ASN B 70 3.06 -16.25 4.22
N LEU B 71 2.40 -16.75 3.19
CA LEU B 71 1.93 -18.17 3.19
C LEU B 71 2.96 -19.14 2.61
N VAL B 72 3.86 -18.66 1.76
CA VAL B 72 4.85 -19.51 1.13
C VAL B 72 6.14 -19.46 1.97
N HIS B 73 6.60 -20.64 2.42
CA HIS B 73 7.77 -20.76 3.29
C HIS B 73 9.05 -21.14 2.52
N THR B 74 8.91 -21.63 1.30
CA THR B 74 10.07 -22.07 0.49
C THR B 74 10.59 -20.91 -0.36
N PRO B 75 11.83 -20.97 -0.89
CA PRO B 75 12.35 -19.92 -1.73
C PRO B 75 11.61 -19.98 -3.07
N LEU B 76 11.36 -18.83 -3.67
CA LEU B 76 10.63 -18.80 -4.96
C LEU B 76 11.42 -17.98 -5.97
N THR B 77 11.25 -18.33 -7.24
CA THR B 77 11.79 -17.50 -8.33
C THR B 77 10.79 -16.36 -8.57
N GLN B 78 11.22 -15.32 -9.27
CA GLN B 78 10.31 -14.20 -9.55
C GLN B 78 9.12 -14.73 -10.35
N ASN B 79 9.34 -15.68 -11.25
CA ASN B 79 8.29 -16.19 -12.09
C ASN B 79 7.29 -17.03 -11.28
N GLN B 80 7.80 -17.78 -10.30
CA GLN B 80 6.94 -18.59 -9.46
C GLN B 80 6.04 -17.66 -8.64
N PHE B 81 6.67 -16.61 -8.08
CA PHE B 81 5.96 -15.69 -7.24
C PHE B 81 4.86 -14.97 -8.04
N ASP B 82 5.23 -14.48 -9.24
CA ASP B 82 4.33 -13.76 -10.13
C ASP B 82 3.09 -14.62 -10.43
N ALA B 83 3.31 -15.88 -10.82
CA ALA B 83 2.25 -16.81 -11.15
C ALA B 83 1.36 -17.11 -9.92
N LEU B 84 1.99 -17.28 -8.75
CA LEU B 84 1.24 -17.54 -7.53
C LEU B 84 0.36 -16.33 -7.16
N VAL B 85 0.88 -15.10 -7.36
CA VAL B 85 0.10 -13.89 -7.08
C VAL B 85 -1.13 -13.83 -7.99
N SER B 86 -0.93 -14.13 -9.29
CA SER B 86 -2.01 -14.13 -10.25
C SER B 86 -3.07 -15.14 -9.81
N PHE B 87 -2.60 -16.32 -9.41
CA PHE B 87 -3.47 -17.43 -9.02
C PHE B 87 -4.25 -17.06 -7.74
N CYS B 88 -3.51 -16.63 -6.72
CA CYS B 88 -4.07 -16.26 -5.44
C CYS B 88 -5.07 -15.09 -5.62
N PHE B 89 -4.76 -14.12 -6.49
CA PHE B 89 -5.67 -13.02 -6.76
C PHE B 89 -6.99 -13.55 -7.33
N ASN B 90 -6.93 -14.59 -8.16
CA ASN B 90 -8.11 -15.11 -8.83
C ASN B 90 -8.97 -15.91 -7.84
N ILE B 91 -8.36 -16.81 -7.08
CA ILE B 91 -9.15 -17.75 -6.24
C ILE B 91 -9.37 -17.17 -4.85
N GLY B 92 -8.70 -16.07 -4.51
CA GLY B 92 -8.83 -15.43 -3.22
C GLY B 92 -7.84 -15.99 -2.20
N ILE B 93 -7.49 -15.16 -1.23
CA ILE B 93 -6.48 -15.51 -0.24
C ILE B 93 -6.94 -16.72 0.59
N GLU B 94 -8.21 -16.73 0.98
CA GLU B 94 -8.77 -17.77 1.85
C GLU B 94 -8.59 -19.14 1.20
N ALA B 95 -9.09 -19.26 -0.03
CA ALA B 95 -8.98 -20.48 -0.79
C ALA B 95 -7.50 -20.85 -1.00
N PHE B 96 -6.67 -19.85 -1.29
CA PHE B 96 -5.25 -20.11 -1.56
C PHE B 96 -4.59 -20.72 -0.33
N GLY B 97 -4.88 -20.15 0.83
CA GLY B 97 -4.31 -20.63 2.10
C GLY B 97 -4.62 -22.09 2.38
N GLN B 98 -5.76 -22.57 1.92
CA GLN B 98 -6.15 -23.98 2.17
C GLN B 98 -5.93 -24.82 0.91
N SER B 99 -5.30 -24.22 -0.03
CA SER B 99 -5.23 -24.91 -1.34
C SER B 99 -4.22 -26.07 -1.39
N ASP B 100 -4.54 -27.00 -2.25
CA ASP B 100 -3.64 -28.14 -2.54
C ASP B 100 -2.42 -27.56 -3.25
N VAL B 101 -2.55 -26.56 -4.13
CA VAL B 101 -1.44 -25.83 -4.81
C VAL B 101 -0.44 -25.35 -3.76
N LEU B 102 -0.75 -24.53 -2.70
CA LEU B 102 0.15 -24.00 -1.67
C LEU B 102 0.84 -25.14 -0.92
N ARG B 103 0.14 -26.23 -0.61
CA ARG B 103 0.74 -27.35 0.09
C ARG B 103 1.89 -27.95 -0.70
N ARG B 104 1.69 -28.09 -2.00
CA ARG B 104 2.72 -28.63 -2.88
C ARG B 104 3.91 -27.68 -2.95
N VAL B 105 3.64 -26.40 -3.13
CA VAL B 105 4.69 -25.40 -3.19
C VAL B 105 5.55 -25.50 -1.93
N ASN B 106 4.89 -25.62 -0.78
CA ASN B 106 5.59 -25.62 0.50
C ASN B 106 6.33 -26.94 0.71
N GLU B 107 5.97 -27.95 -0.07
CA GLU B 107 6.63 -29.27 -0.01
C GLU B 107 7.80 -29.29 -1.01
N GLY B 108 7.96 -28.22 -1.77
CA GLY B 108 9.02 -28.11 -2.79
C GLY B 108 8.68 -28.86 -4.06
N ARG B 109 7.43 -29.27 -4.22
CA ARG B 109 6.97 -30.05 -5.39
C ARG B 109 6.38 -29.08 -6.40
N VAL B 110 7.24 -28.41 -7.15
CA VAL B 110 6.85 -27.36 -8.13
C VAL B 110 5.93 -27.94 -9.21
N THR B 111 6.32 -29.06 -9.81
CA THR B 111 5.53 -29.64 -10.89
C THR B 111 4.12 -30.00 -10.40
N GLU B 112 4.04 -30.54 -9.19
CA GLU B 112 2.77 -30.97 -8.63
C GLU B 112 1.88 -29.75 -8.29
N ALA B 113 2.53 -28.67 -7.83
CA ALA B 113 1.85 -27.43 -7.56
C ALA B 113 1.17 -26.95 -8.85
N ALA B 114 1.93 -26.95 -9.96
CA ALA B 114 1.38 -26.51 -11.23
C ALA B 114 0.18 -27.37 -11.60
N GLN B 115 0.32 -28.69 -11.46
CA GLN B 115 -0.78 -29.60 -11.81
C GLN B 115 -2.01 -29.34 -10.93
N ALA B 116 -1.79 -29.03 -9.65
CA ALA B 116 -2.88 -28.75 -8.70
C ALA B 116 -3.73 -27.56 -9.18
N MET B 117 -3.13 -26.65 -9.95
CA MET B 117 -3.82 -25.49 -10.47
C MET B 117 -4.97 -25.93 -11.40
N ASP B 118 -4.85 -27.15 -11.93
CA ASP B 118 -5.86 -27.72 -12.85
C ASP B 118 -7.17 -27.94 -12.12
N ASN B 119 -7.14 -27.92 -10.79
CA ASN B 119 -8.34 -28.12 -9.94
C ASN B 119 -9.13 -26.83 -9.75
N TRP B 120 -8.69 -25.73 -10.35
CA TRP B 120 -9.35 -24.42 -10.15
C TRP B 120 -9.86 -23.87 -11.46
N THR B 121 -10.67 -24.64 -12.18
CA THR B 121 -11.18 -24.19 -13.49
C THR B 121 -12.69 -24.37 -13.59
N SER B 122 -13.34 -24.74 -12.49
CA SER B 122 -14.81 -24.97 -12.54
C SER B 122 -15.56 -23.99 -11.63
N ALA B 123 -16.79 -23.65 -12.03
CA ALA B 123 -17.63 -22.70 -11.37
C ALA B 123 -18.98 -23.37 -11.07
N GLU B 124 -19.66 -22.79 -10.08
CA GLU B 124 -20.85 -23.34 -9.50
C GLU B 124 -22.04 -22.56 -10.05
N PHE B 125 -23.01 -23.31 -10.57
CA PHE B 125 -24.25 -22.73 -11.07
C PHE B 125 -25.41 -23.57 -10.55
N ASN B 126 -26.04 -23.11 -9.47
CA ASN B 126 -27.24 -23.76 -8.91
C ASN B 126 -27.06 -25.27 -8.79
N GLY B 127 -25.95 -25.70 -8.20
CA GLY B 127 -25.67 -27.13 -8.03
C GLY B 127 -24.92 -27.76 -9.19
N GLN B 128 -25.07 -27.24 -10.41
CA GLN B 128 -24.31 -27.75 -11.55
C GLN B 128 -22.90 -27.18 -11.47
N THR B 129 -21.95 -27.89 -12.06
CA THR B 129 -20.55 -27.45 -12.16
C THR B 129 -20.23 -27.31 -13.64
N TYR B 130 -19.67 -26.17 -14.02
CA TYR B 130 -19.24 -25.92 -15.37
C TYR B 130 -17.73 -25.68 -15.36
N VAL B 131 -17.02 -26.35 -16.28
CA VAL B 131 -15.63 -26.07 -16.56
C VAL B 131 -15.60 -24.81 -17.42
N LEU B 132 -14.83 -23.78 -17.03
CA LEU B 132 -14.83 -22.52 -17.76
C LEU B 132 -13.60 -22.43 -18.67
N ALA B 133 -13.83 -22.29 -19.97
CA ALA B 133 -12.75 -22.18 -20.95
C ALA B 133 -11.79 -21.07 -20.52
N PRO B 134 -12.28 -19.87 -20.13
CA PRO B 134 -11.40 -18.78 -19.68
C PRO B 134 -10.47 -19.17 -18.52
N LEU B 135 -10.92 -20.05 -17.65
CA LEU B 135 -10.15 -20.44 -16.51
C LEU B 135 -9.11 -21.47 -16.92
N ILE B 136 -9.47 -22.35 -17.86
CA ILE B 136 -8.50 -23.25 -18.47
C ILE B 136 -7.38 -22.40 -19.10
N ARG B 137 -7.75 -21.35 -19.87
CA ARG B 137 -6.75 -20.45 -20.47
C ARG B 137 -5.89 -19.85 -19.35
N ARG B 138 -6.54 -19.31 -18.32
CA ARG B 138 -5.82 -18.61 -17.26
C ARG B 138 -4.82 -19.54 -16.58
N ARG B 139 -5.15 -20.80 -16.19
CA ARG B 139 -4.30 -21.79 -15.53
C ARG B 139 -3.11 -22.17 -16.40
N ALA B 140 -3.48 -22.25 -17.70
CA ALA B 140 -2.40 -22.62 -18.62
C ALA B 140 -1.32 -21.53 -18.57
N SER B 141 -1.72 -20.27 -18.68
CA SER B 141 -0.80 -19.12 -18.67
C SER B 141 -0.09 -19.01 -17.33
N GLU B 142 -0.81 -19.20 -16.21
CA GLU B 142 -0.18 -19.15 -14.90
C GLU B 142 0.85 -20.27 -14.77
N LYS B 143 0.48 -21.48 -15.19
CA LYS B 143 1.34 -22.65 -15.04
C LYS B 143 2.60 -22.49 -15.92
N SER B 144 2.43 -21.97 -17.13
CA SER B 144 3.56 -21.69 -18.04
C SER B 144 4.57 -20.80 -17.33
N LEU B 145 4.12 -19.65 -16.84
CA LEU B 145 5.00 -18.68 -16.17
C LEU B 145 5.63 -19.34 -14.92
N PHE B 146 4.77 -19.99 -14.13
CA PHE B 146 5.22 -20.62 -12.89
C PHE B 146 6.41 -21.56 -13.12
N LEU B 147 6.37 -22.33 -14.23
CA LEU B 147 7.40 -23.33 -14.53
C LEU B 147 8.52 -22.76 -15.44
N THR B 148 8.55 -21.45 -15.68
CA THR B 148 9.67 -20.81 -16.42
C THR B 148 10.76 -20.42 -15.44
N PRO B 149 11.98 -21.00 -15.51
CA PRO B 149 13.01 -20.83 -14.47
C PRO B 149 13.26 -19.40 -13.98
N ARG C 3 18.37 -2.72 -2.75
CA ARG C 3 17.41 -1.72 -3.22
C ARG C 3 17.50 -0.46 -2.39
N HIS C 4 16.52 0.40 -2.52
CA HIS C 4 16.51 1.64 -1.79
C HIS C 4 15.13 1.99 -1.41
N LYS C 5 15.02 2.72 -0.32
CA LYS C 5 13.70 3.11 0.17
C LYS C 5 13.69 4.63 0.34
N ILE C 6 12.58 5.28 0.02
CA ILE C 6 12.50 6.73 0.26
C ILE C 6 12.37 6.93 1.77
N SER C 7 13.20 7.83 2.30
CA SER C 7 13.21 8.17 3.71
C SER C 7 11.97 9.00 4.06
N ARG C 8 11.68 9.09 5.35
CA ARG C 8 10.61 9.91 5.86
C ARG C 8 10.88 11.37 5.48
N ALA C 9 12.14 11.82 5.56
CA ALA C 9 12.47 13.22 5.21
C ALA C 9 12.20 13.47 3.71
N GLY C 10 12.48 12.46 2.87
CA GLY C 10 12.19 12.49 1.43
C GLY C 10 10.70 12.66 1.14
N VAL C 11 9.88 11.91 1.87
CA VAL C 11 8.43 12.00 1.77
C VAL C 11 7.97 13.42 2.17
N GLU C 12 8.54 13.95 3.26
CA GLU C 12 8.16 15.28 3.75
C GLU C 12 8.52 16.36 2.73
N LEU C 13 9.70 16.21 2.10
CA LEU C 13 10.11 17.16 1.09
C LEU C 13 9.09 17.15 -0.06
N ILE C 14 8.69 15.96 -0.49
CA ILE C 14 7.74 15.85 -1.58
C ILE C 14 6.40 16.50 -1.20
N LYS C 15 5.96 16.29 0.04
CA LYS C 15 4.72 16.90 0.48
C LYS C 15 4.82 18.43 0.43
N SER C 16 5.98 18.93 0.83
CA SER C 16 6.25 20.39 0.88
C SER C 16 6.10 21.00 -0.51
N PHE C 17 6.44 20.27 -1.55
CA PHE C 17 6.34 20.79 -2.93
C PHE C 17 4.92 20.69 -3.47
N GLU C 18 4.29 19.56 -3.24
CA GLU C 18 2.93 19.32 -3.79
C GLU C 18 1.89 20.20 -3.12
N GLY C 19 1.86 20.21 -1.80
CA GLY C 19 0.84 20.92 -1.01
C GLY C 19 -0.30 19.97 -0.67
N LEU C 20 -1.02 20.20 0.43
CA LEU C 20 -2.12 19.27 0.73
C LEU C 20 -3.44 19.79 0.16
N ARG C 21 -4.12 18.98 -0.65
CA ARG C 21 -5.43 19.33 -1.20
C ARG C 21 -6.41 18.44 -0.44
N GLN C 22 -7.21 19.05 0.43
CA GLN C 22 -8.12 18.27 1.24
C GLN C 22 -9.37 17.93 0.43
N GLN C 23 -9.63 18.74 -0.60
CA GLN C 23 -10.83 18.60 -1.40
C GLN C 23 -10.41 18.32 -2.85
N ALA C 24 -11.08 17.34 -3.47
CA ALA C 24 -10.85 16.98 -4.84
C ALA C 24 -11.09 18.20 -5.75
N SER C 25 -10.12 18.45 -6.63
CA SER C 25 -10.26 19.44 -7.72
C SER C 25 -9.87 18.76 -9.03
N GLN C 26 -10.37 19.31 -10.14
CA GLN C 26 -10.21 18.71 -11.44
C GLN C 26 -8.96 19.29 -12.12
N LEU C 27 -8.18 18.41 -12.73
CA LEU C 27 -6.99 18.75 -13.50
C LEU C 27 -7.41 19.14 -14.91
N PRO C 28 -6.53 19.85 -15.66
CA PRO C 28 -6.76 20.16 -17.07
C PRO C 28 -7.30 18.98 -17.90
N ASP C 29 -6.68 17.81 -17.74
CA ASP C 29 -7.00 16.62 -18.53
C ASP C 29 -8.35 16.02 -18.12
N GLY C 30 -9.02 16.61 -17.11
CA GLY C 30 -10.37 16.21 -16.71
C GLY C 30 -10.41 15.27 -15.50
N ARG C 31 -9.28 14.66 -15.16
CA ARG C 31 -9.17 13.80 -13.99
C ARG C 31 -9.30 14.63 -12.73
N TRP C 32 -9.62 13.96 -11.62
CA TRP C 32 -9.72 14.64 -10.31
C TRP C 32 -8.44 14.35 -9.51
N MET C 33 -8.05 15.29 -8.65
CA MET C 33 -6.81 15.17 -7.85
C MET C 33 -7.12 15.54 -6.41
N ILE C 34 -6.43 14.91 -5.47
CA ILE C 34 -6.63 15.11 -4.02
C ILE C 34 -5.31 14.86 -3.29
N GLY C 35 -5.21 15.29 -2.04
CA GLY C 35 -4.01 15.06 -1.24
C GLY C 35 -2.79 15.65 -1.92
N TYR C 36 -1.72 14.87 -2.05
CA TYR C 36 -0.47 15.32 -2.68
C TYR C 36 -0.37 14.74 -4.10
N GLY C 37 -1.20 15.25 -5.01
CA GLY C 37 -1.19 14.88 -6.43
C GLY C 37 -1.77 13.51 -6.69
N HIS C 38 -2.60 13.00 -5.79
CA HIS C 38 -3.22 11.66 -5.92
C HIS C 38 -4.40 11.71 -6.90
N THR C 39 -4.52 10.73 -7.79
CA THR C 39 -5.62 10.72 -8.77
C THR C 39 -6.35 9.36 -8.86
N PHE C 40 -5.69 8.25 -8.57
CA PHE C 40 -6.30 6.93 -8.86
C PHE C 40 -7.64 6.67 -8.15
N SER C 41 -7.80 7.14 -6.91
CA SER C 41 -9.08 6.95 -6.18
C SER C 41 -9.80 8.29 -6.03
N ALA C 42 -9.25 9.37 -6.57
CA ALA C 42 -9.90 10.67 -6.48
C ALA C 42 -11.11 10.71 -7.40
N ARG C 43 -12.11 11.45 -6.94
CA ARG C 43 -13.33 11.68 -7.72
C ARG C 43 -13.96 12.99 -7.23
N GLU C 44 -14.98 13.45 -7.95
CA GLU C 44 -15.68 14.65 -7.54
C GLU C 44 -16.21 14.45 -6.12
N GLY C 45 -15.97 15.43 -5.24
CA GLY C 45 -16.53 15.41 -3.86
C GLY C 45 -15.70 14.60 -2.86
N ALA C 46 -14.59 14.04 -3.31
CA ALA C 46 -13.75 13.26 -2.37
C ALA C 46 -13.04 14.24 -1.44
N ARG C 47 -12.81 13.84 -0.19
CA ARG C 47 -12.11 14.69 0.80
C ARG C 47 -11.11 13.80 1.53
N VAL C 48 -10.00 14.39 1.96
CA VAL C 48 -8.97 13.62 2.68
C VAL C 48 -8.42 14.47 3.82
N THR C 49 -8.01 13.81 4.89
CA THR C 49 -7.27 14.49 5.97
C THR C 49 -5.78 14.41 5.62
N ALA C 50 -4.95 15.11 6.38
CA ALA C 50 -3.50 15.03 6.10
C ALA C 50 -3.06 13.57 6.24
N GLU C 51 -3.61 12.84 7.22
CA GLU C 51 -3.28 11.42 7.44
C GLU C 51 -3.67 10.57 6.22
N ASP C 52 -4.87 10.82 5.68
CA ASP C 52 -5.35 10.12 4.46
C ASP C 52 -4.39 10.39 3.29
N ALA C 53 -4.02 11.66 3.14
CA ALA C 53 -3.17 12.10 2.05
C ALA C 53 -1.79 11.45 2.14
N ASP C 54 -1.24 11.31 3.35
CA ASP C 54 0.05 10.65 3.58
C ASP C 54 -0.02 9.20 3.07
N ALA C 55 -1.10 8.49 3.45
CA ALA C 55 -1.27 7.11 3.06
C ALA C 55 -1.34 7.03 1.53
N LEU C 56 -2.14 7.89 0.90
CA LEU C 56 -2.27 7.86 -0.56
C LEU C 56 -0.92 8.17 -1.25
N LEU C 57 -0.16 9.12 -0.70
CA LEU C 57 1.12 9.51 -1.29
C LEU C 57 2.06 8.31 -1.29
N ARG C 58 2.06 7.50 -0.21
CA ARG C 58 2.91 6.34 -0.12
C ARG C 58 2.62 5.35 -1.26
N PHE C 59 1.34 5.20 -1.61
CA PHE C 59 0.95 4.34 -2.72
C PHE C 59 1.45 4.94 -4.04
N ASP C 60 1.28 6.25 -4.23
CA ASP C 60 1.69 6.90 -5.46
C ASP C 60 3.23 6.84 -5.63
N LEU C 61 3.98 6.78 -4.51
CA LEU C 61 5.45 6.75 -4.61
C LEU C 61 6.00 5.34 -4.91
N LEU C 62 5.20 4.29 -4.69
CA LEU C 62 5.69 2.89 -4.87
C LEU C 62 6.30 2.68 -6.25
N PRO C 63 5.61 2.99 -7.37
CA PRO C 63 6.17 2.79 -8.70
C PRO C 63 7.35 3.74 -9.00
N ILE C 64 7.42 4.88 -8.31
CA ILE C 64 8.55 5.79 -8.48
C ILE C 64 9.80 5.18 -7.84
N VAL C 65 9.64 4.66 -6.61
CA VAL C 65 10.71 3.99 -5.91
C VAL C 65 11.23 2.80 -6.75
N GLU C 66 10.31 2.04 -7.34
CA GLU C 66 10.63 0.91 -8.22
C GLU C 66 11.42 1.42 -9.42
N ALA C 67 10.91 2.47 -10.08
CA ALA C 67 11.50 3.01 -11.28
C ALA C 67 12.93 3.48 -11.02
N VAL C 68 13.15 4.23 -9.92
CA VAL C 68 14.45 4.83 -9.73
C VAL C 68 15.46 3.72 -9.43
N ASN C 69 15.04 2.77 -8.62
CA ASN C 69 15.87 1.61 -8.25
C ASN C 69 16.27 0.89 -9.54
N ASN C 70 15.29 0.63 -10.40
CA ASN C 70 15.54 -0.13 -11.64
C ASN C 70 16.33 0.64 -12.67
N LEU C 71 16.06 1.94 -12.81
CA LEU C 71 16.69 2.73 -13.88
C LEU C 71 18.12 3.15 -13.52
N VAL C 72 18.44 3.27 -12.24
CA VAL C 72 19.79 3.74 -11.87
C VAL C 72 20.71 2.52 -11.63
N HIS C 73 21.83 2.47 -12.34
CA HIS C 73 22.79 1.34 -12.27
C HIS C 73 24.00 1.71 -11.40
N THR C 74 24.16 3.01 -11.10
CA THR C 74 25.20 3.60 -10.27
C THR C 74 24.82 3.44 -8.80
N PRO C 75 25.78 3.41 -7.86
CA PRO C 75 25.45 3.34 -6.44
C PRO C 75 24.85 4.69 -5.99
N LEU C 76 23.92 4.68 -5.04
CA LEU C 76 23.33 6.01 -4.69
C LEU C 76 23.06 6.15 -3.19
N THR C 77 23.59 7.21 -2.59
CA THR C 77 23.31 7.54 -1.19
C THR C 77 21.80 7.59 -0.99
N GLN C 78 21.37 7.55 0.29
CA GLN C 78 19.97 7.69 0.64
C GLN C 78 19.44 9.03 0.10
N ASN C 79 20.22 10.09 0.25
CA ASN C 79 19.82 11.44 -0.13
C ASN C 79 19.68 11.56 -1.65
N GLN C 80 20.53 10.83 -2.37
CA GLN C 80 20.49 10.86 -3.85
C GLN C 80 19.19 10.19 -4.28
N PHE C 81 18.86 9.07 -3.65
CA PHE C 81 17.63 8.31 -3.97
C PHE C 81 16.39 9.17 -3.71
N ASP C 82 16.30 9.75 -2.52
CA ASP C 82 15.18 10.62 -2.10
C ASP C 82 14.98 11.76 -3.10
N ALA C 83 16.05 12.44 -3.48
CA ALA C 83 15.95 13.56 -4.41
C ALA C 83 15.52 13.07 -5.80
N LEU C 84 16.05 11.92 -6.25
CA LEU C 84 15.68 11.42 -7.57
C LEU C 84 14.23 10.93 -7.58
N VAL C 85 13.74 10.37 -6.47
CA VAL C 85 12.33 9.97 -6.36
C VAL C 85 11.42 11.20 -6.47
N SER C 86 11.81 12.28 -5.78
CA SER C 86 11.05 13.52 -5.82
C SER C 86 10.99 14.02 -7.26
N PHE C 87 12.16 13.98 -7.90
CA PHE C 87 12.34 14.53 -9.23
C PHE C 87 11.52 13.68 -10.23
N CYS C 88 11.70 12.37 -10.13
CA CYS C 88 11.02 11.39 -10.98
C CYS C 88 9.50 11.47 -10.79
N PHE C 89 9.02 11.64 -9.55
CA PHE C 89 7.59 11.83 -9.26
C PHE C 89 7.06 13.06 -9.99
N ASN C 90 7.87 14.12 -10.02
CA ASN C 90 7.42 15.40 -10.53
C ASN C 90 7.33 15.34 -12.08
N ILE C 91 8.35 14.79 -12.73
CA ILE C 91 8.41 14.85 -14.20
C ILE C 91 7.80 13.58 -14.83
N GLY C 92 7.56 12.54 -14.03
CA GLY C 92 7.01 11.28 -14.50
C GLY C 92 8.09 10.29 -14.91
N ILE C 93 7.81 9.01 -14.76
CA ILE C 93 8.78 7.93 -14.98
C ILE C 93 9.27 7.93 -16.44
N GLU C 94 8.36 8.14 -17.39
CA GLU C 94 8.72 8.11 -18.81
C GLU C 94 9.79 9.17 -19.12
N ALA C 95 9.49 10.42 -18.76
CA ALA C 95 10.40 11.53 -18.99
C ALA C 95 11.72 11.27 -18.25
N PHE C 96 11.63 10.71 -17.05
CA PHE C 96 12.80 10.44 -16.25
C PHE C 96 13.70 9.42 -16.95
N GLY C 97 13.12 8.32 -17.42
CA GLY C 97 13.87 7.28 -18.15
C GLY C 97 14.65 7.84 -19.33
N GLN C 98 14.16 8.91 -19.96
CA GLN C 98 14.77 9.48 -21.17
C GLN C 98 15.58 10.73 -20.84
N SER C 99 15.76 11.05 -19.55
CA SER C 99 16.29 12.37 -19.13
C SER C 99 17.83 12.39 -19.16
N ASP C 100 18.33 13.58 -19.45
CA ASP C 100 19.72 13.97 -19.25
C ASP C 100 20.15 13.59 -17.83
N VAL C 101 19.32 13.92 -16.84
CA VAL C 101 19.60 13.65 -15.43
C VAL C 101 19.99 12.18 -15.23
N LEU C 102 19.14 11.27 -15.70
CA LEU C 102 19.39 9.84 -15.52
C LEU C 102 20.68 9.42 -16.25
N ARG C 103 20.89 9.93 -17.46
CA ARG C 103 22.07 9.58 -18.24
C ARG C 103 23.33 9.94 -17.45
N ARG C 104 23.34 11.15 -16.91
CA ARG C 104 24.46 11.64 -16.12
C ARG C 104 24.67 10.77 -14.88
N VAL C 105 23.58 10.50 -14.16
CA VAL C 105 23.67 9.68 -12.95
C VAL C 105 24.32 8.33 -13.31
N ASN C 106 23.91 7.77 -14.46
CA ASN C 106 24.36 6.44 -14.86
C ASN C 106 25.81 6.50 -15.36
N GLU C 107 26.29 7.70 -15.71
CA GLU C 107 27.70 7.90 -16.09
C GLU C 107 28.55 8.20 -14.85
N GLY C 108 27.94 8.16 -13.66
CA GLY C 108 28.60 8.45 -12.39
C GLY C 108 28.92 9.93 -12.21
N ARG C 109 28.37 10.79 -13.07
CA ARG C 109 28.63 12.22 -13.06
C ARG C 109 27.54 12.95 -12.23
N VAL C 110 27.71 12.86 -10.91
CA VAL C 110 26.72 13.29 -9.91
C VAL C 110 26.45 14.79 -10.07
N THR C 111 27.53 15.58 -10.21
CA THR C 111 27.41 17.01 -10.26
C THR C 111 26.64 17.43 -11.51
N GLU C 112 26.91 16.75 -12.63
CA GLU C 112 26.28 17.08 -13.90
C GLU C 112 24.80 16.68 -13.86
N ALA C 113 24.49 15.59 -13.15
CA ALA C 113 23.12 15.14 -12.97
C ALA C 113 22.31 16.26 -12.28
N ALA C 114 22.87 16.80 -11.19
CA ALA C 114 22.25 17.88 -10.47
C ALA C 114 22.02 19.07 -11.42
N GLN C 115 23.03 19.41 -12.20
CA GLN C 115 22.91 20.54 -13.11
C GLN C 115 21.84 20.27 -14.17
N ALA C 116 21.74 19.02 -14.61
CA ALA C 116 20.77 18.64 -15.64
C ALA C 116 19.34 18.91 -15.15
N MET C 117 19.14 18.89 -13.83
CA MET C 117 17.82 19.12 -13.24
C MET C 117 17.30 20.50 -13.63
N ASP C 118 18.21 21.43 -13.93
CA ASP C 118 17.83 22.79 -14.31
C ASP C 118 17.10 22.79 -15.66
N ASN C 119 17.22 21.71 -16.44
CA ASN C 119 16.53 21.62 -17.74
C ASN C 119 15.03 21.31 -17.59
N TRP C 120 14.57 21.18 -16.35
CA TRP C 120 13.21 20.73 -16.06
C TRP C 120 12.49 21.78 -15.21
N THR C 121 12.47 23.02 -15.70
CA THR C 121 11.92 24.12 -14.95
C THR C 121 11.06 25.01 -15.86
N SER C 122 10.60 24.49 -17.00
CA SER C 122 9.91 25.36 -17.97
C SER C 122 8.73 24.64 -18.61
N ALA C 123 7.76 25.41 -19.13
CA ALA C 123 6.62 24.90 -19.89
C ALA C 123 6.52 25.60 -21.24
N GLU C 124 5.72 25.02 -22.14
CA GLU C 124 5.51 25.51 -23.50
C GLU C 124 4.12 26.16 -23.61
N PHE C 125 4.07 27.35 -24.21
CA PHE C 125 2.84 28.02 -24.60
C PHE C 125 2.95 28.43 -26.06
N ASN C 126 2.20 27.73 -26.93
CA ASN C 126 2.22 27.98 -28.37
C ASN C 126 3.65 28.04 -28.91
N GLY C 127 4.55 27.18 -28.42
CA GLY C 127 5.90 27.09 -28.98
C GLY C 127 6.90 27.97 -28.25
N GLN C 128 6.42 28.98 -27.51
CA GLN C 128 7.26 29.80 -26.61
C GLN C 128 7.46 29.06 -25.28
N THR C 129 8.66 29.16 -24.73
CA THR C 129 9.08 28.49 -23.49
C THR C 129 9.05 29.53 -22.36
N TYR C 130 8.45 29.16 -21.23
CA TYR C 130 8.40 30.00 -20.05
C TYR C 130 8.95 29.24 -18.85
N VAL C 131 9.88 29.88 -18.13
CA VAL C 131 10.46 29.33 -16.93
C VAL C 131 9.41 29.43 -15.81
N LEU C 132 9.22 28.37 -15.04
CA LEU C 132 8.23 28.33 -13.96
C LEU C 132 8.95 28.49 -12.63
N ALA C 133 8.65 29.59 -11.95
CA ALA C 133 9.31 29.98 -10.73
C ALA C 133 9.20 28.87 -9.69
N PRO C 134 8.02 28.24 -9.50
CA PRO C 134 7.90 27.19 -8.50
C PRO C 134 8.82 25.98 -8.78
N LEU C 135 9.11 25.73 -10.06
CA LEU C 135 9.97 24.63 -10.43
C LEU C 135 11.42 24.99 -10.16
N ILE C 136 11.78 26.26 -10.32
CA ILE C 136 13.12 26.72 -9.89
C ILE C 136 13.29 26.40 -8.41
N ARG C 137 12.27 26.72 -7.63
CA ARG C 137 12.30 26.48 -6.19
C ARG C 137 12.37 24.99 -5.87
N ARG C 138 11.61 24.19 -6.61
CA ARG C 138 11.59 22.74 -6.39
C ARG C 138 12.97 22.14 -6.72
N ARG C 139 13.52 22.49 -7.88
CA ARG C 139 14.81 21.99 -8.32
C ARG C 139 15.90 22.34 -7.32
N ALA C 140 15.88 23.57 -6.82
CA ALA C 140 16.89 24.01 -5.85
C ALA C 140 16.90 23.06 -4.67
N SER C 141 15.69 22.77 -4.14
CA SER C 141 15.56 21.89 -2.97
C SER C 141 15.96 20.45 -3.32
N GLU C 142 15.55 19.95 -4.50
CA GLU C 142 15.92 18.57 -4.92
C GLU C 142 17.46 18.46 -5.08
N LYS C 143 18.05 19.45 -5.71
CA LYS C 143 19.50 19.48 -5.91
C LYS C 143 20.25 19.55 -4.58
N SER C 144 19.78 20.39 -3.65
CA SER C 144 20.37 20.50 -2.30
C SER C 144 20.43 19.14 -1.63
N LEU C 145 19.29 18.45 -1.58
CA LEU C 145 19.23 17.15 -0.96
C LEU C 145 20.13 16.16 -1.74
N PHE C 146 20.01 16.17 -3.06
CA PHE C 146 20.78 15.25 -3.93
C PHE C 146 22.28 15.37 -3.63
N LEU C 147 22.78 16.59 -3.43
CA LEU C 147 24.23 16.81 -3.20
C LEU C 147 24.57 16.80 -1.71
N THR C 148 23.73 16.22 -0.86
CA THR C 148 23.99 16.21 0.60
C THR C 148 24.57 14.86 1.01
N PRO C 149 25.77 14.81 1.62
CA PRO C 149 26.30 13.57 2.13
C PRO C 149 25.51 13.20 3.39
#